data_5Y8M
#
_entry.id   5Y8M
#
_cell.length_a   129.020
_cell.length_b   129.020
_cell.length_c   70.300
_cell.angle_alpha   90.00
_cell.angle_beta   90.00
_cell.angle_gamma   120.00
#
_symmetry.space_group_name_H-M   'P 65'
#
loop_
_entity.id
_entity.type
_entity.pdbx_description
1 polymer 'Probable 3-hydroxyisobutyrate dehydrogenase'
2 non-polymer GLYCEROL
3 non-polymer 'ACRYLIC ACID'
4 non-polymer '(2~{S})-2-methylpentanedioic acid'
5 non-polymer NICOTINAMIDE-ADENINE-DINUCLEOTIDE
6 non-polymer '(2R)-3-HYDROXY-2-METHYLPROPANOIC ACID'
7 water water
#
_entity_poly.entity_id   1
_entity_poly.type   'polypeptide(L)'
_entity_poly.pdbx_seq_one_letter_code
;MMTTIAFLGLGNMGAPMSANLVGAGHVVRGFDPAPTAASGAAAHGVAVFRSAPEAVAEADVVITMLPTGEVVRRCYTDVL
AAARPATLFIDSSTISVTDAREVHALAESHGMLQLDAPVSGGVKGAAAATLAFMVGGDESTLRRARPVLEPMAGKIIHCG
AAGAGQAAKVCNNMVLAVQQIAIAEAFVLAEKLGLSAQSLFDVITGATGNCWAVHTNCPVPGPVPTSPANNDFKPGFSTA
LMNKDLGLAMDAVAATGATAPLGSHAADIYAKFAADHADLDFSAVIHTLRARADA
;
_entity_poly.pdbx_strand_id   A,B
#
loop_
_chem_comp.id
_chem_comp.type
_chem_comp.name
_chem_comp.formula
9ON non-polymer '(2~{S})-2-methylpentanedioic acid' 'C6 H10 O4'
AKR non-polymer 'ACRYLIC ACID' 'C3 H4 O2'
GOL non-polymer GLYCEROL 'C3 H8 O3'
HIU non-polymer '(2R)-3-HYDROXY-2-METHYLPROPANOIC ACID' 'C4 H8 O3'
NAD non-polymer NICOTINAMIDE-ADENINE-DINUCLEOTIDE 'C21 H27 N7 O14 P2'
#
# COMPACT_ATOMS: atom_id res chain seq x y z
N THR A 3 -2.15 41.23 -7.99
CA THR A 3 -3.27 40.33 -8.28
C THR A 3 -4.41 40.43 -7.20
N THR A 4 -5.62 40.71 -7.69
CA THR A 4 -6.80 40.74 -6.83
C THR A 4 -7.49 39.40 -6.93
N ILE A 5 -7.72 38.79 -5.78
CA ILE A 5 -8.27 37.46 -5.69
C ILE A 5 -9.55 37.51 -4.89
N ALA A 6 -10.61 36.93 -5.44
CA ALA A 6 -11.85 36.74 -4.68
C ALA A 6 -11.80 35.31 -4.11
N PHE A 7 -11.97 35.18 -2.80
CA PHE A 7 -11.93 33.91 -2.12
C PHE A 7 -13.31 33.61 -1.54
N LEU A 8 -13.97 32.63 -2.19
CA LEU A 8 -15.34 32.27 -1.90
C LEU A 8 -15.34 30.96 -1.16
N GLY A 9 -15.54 31.03 0.15
CA GLY A 9 -15.45 29.87 1.04
C GLY A 9 -14.27 30.03 1.97
N LEU A 10 -14.52 30.49 3.18
CA LEU A 10 -13.46 30.93 4.12
C LEU A 10 -13.53 30.12 5.39
N GLY A 11 -13.77 28.82 5.20
CA GLY A 11 -13.91 27.85 6.26
C GLY A 11 -12.55 27.36 6.74
N ASN A 12 -12.54 26.15 7.29
CA ASN A 12 -11.38 25.59 7.96
C ASN A 12 -10.12 25.56 7.06
N MET A 13 -10.33 25.32 5.75
CA MET A 13 -9.27 25.35 4.77
C MET A 13 -9.16 26.74 4.10
N GLY A 14 -10.28 27.34 3.75
CA GLY A 14 -10.29 28.60 2.99
C GLY A 14 -9.72 29.75 3.80
N ALA A 15 -9.98 29.77 5.12
CA ALA A 15 -9.43 30.85 5.96
C ALA A 15 -7.86 30.88 5.94
N PRO A 16 -7.16 29.80 6.31
CA PRO A 16 -5.71 29.86 6.26
C PRO A 16 -5.11 30.02 4.83
N MET A 17 -5.78 29.48 3.79
CA MET A 17 -5.27 29.65 2.44
C MET A 17 -5.28 31.13 2.13
N SER A 18 -6.39 31.80 2.40
CA SER A 18 -6.55 33.21 2.08
C SER A 18 -5.59 34.08 2.90
N ALA A 19 -5.33 33.68 4.14
CA ALA A 19 -4.28 34.35 4.92
C ALA A 19 -2.88 34.28 4.28
N ASN A 20 -2.54 33.14 3.68
CA ASN A 20 -1.28 33.01 2.98
C ASN A 20 -1.22 33.90 1.74
N LEU A 21 -2.32 33.99 0.99
CA LEU A 21 -2.41 34.91 -0.17
C LEU A 21 -2.20 36.37 0.27
N VAL A 22 -2.83 36.79 1.37
CA VAL A 22 -2.61 38.11 1.93
C VAL A 22 -1.13 38.32 2.25
N GLY A 23 -0.57 37.29 2.90
CA GLY A 23 0.80 37.29 3.31
C GLY A 23 1.77 37.37 2.15
N ALA A 24 1.37 36.97 0.95
CA ALA A 24 2.24 37.03 -0.19
C ALA A 24 1.99 38.28 -1.02
N GLY A 25 1.24 39.25 -0.52
CA GLY A 25 1.10 40.52 -1.25
C GLY A 25 -0.08 40.66 -2.19
N HIS A 26 -1.03 39.74 -2.14
CA HIS A 26 -2.27 39.87 -2.94
C HIS A 26 -3.35 40.63 -2.22
N VAL A 27 -4.22 41.24 -3.00
CA VAL A 27 -5.43 41.88 -2.45
C VAL A 27 -6.50 40.81 -2.48
N VAL A 28 -7.04 40.48 -1.30
CA VAL A 28 -7.93 39.35 -1.17
C VAL A 28 -9.27 39.85 -0.78
N ARG A 29 -10.28 39.48 -1.57
CA ARG A 29 -11.68 39.80 -1.32
C ARG A 29 -12.37 38.49 -0.99
N GLY A 30 -13.30 38.49 -0.07
CA GLY A 30 -13.88 37.25 0.39
C GLY A 30 -15.37 37.27 0.57
N PHE A 31 -15.91 36.07 0.67
CA PHE A 31 -17.32 35.85 1.00
C PHE A 31 -17.45 34.49 1.66
N ASP A 32 -18.22 34.49 2.73
CA ASP A 32 -18.61 33.25 3.39
C ASP A 32 -19.92 33.54 4.09
N PRO A 33 -20.89 32.64 3.97
CA PRO A 33 -22.18 32.89 4.59
C PRO A 33 -22.21 32.73 6.15
N ALA A 34 -21.12 32.23 6.75
CA ALA A 34 -20.96 32.20 8.20
C ALA A 34 -20.20 33.39 8.75
N PRO A 35 -20.85 34.26 9.55
CA PRO A 35 -20.18 35.47 10.14
C PRO A 35 -18.87 35.16 10.85
N THR A 36 -18.81 34.10 11.60
CA THR A 36 -17.61 33.78 12.31
C THR A 36 -16.42 33.49 11.31
N ALA A 37 -16.71 32.81 10.19
CA ALA A 37 -15.67 32.57 9.18
C ALA A 37 -15.25 33.86 8.53
N ALA A 38 -16.22 34.66 8.15
CA ALA A 38 -15.99 35.92 7.48
C ALA A 38 -15.16 36.92 8.40
N SER A 39 -15.57 37.05 9.66
CA SER A 39 -14.89 37.86 10.68
C SER A 39 -13.44 37.51 10.87
N GLY A 40 -13.17 36.22 11.10
CA GLY A 40 -11.87 35.67 11.19
C GLY A 40 -11.01 36.00 9.98
N ALA A 41 -11.58 35.88 8.76
CA ALA A 41 -10.86 36.18 7.51
C ALA A 41 -10.53 37.67 7.45
N ALA A 42 -11.50 38.51 7.82
CA ALA A 42 -11.32 39.98 7.86
C ALA A 42 -10.28 40.35 8.83
N ALA A 43 -10.17 39.57 9.90
CA ALA A 43 -9.08 39.74 10.87
C ALA A 43 -7.69 39.48 10.32
N HIS A 44 -7.56 38.74 9.25
CA HIS A 44 -6.27 38.57 8.64
C HIS A 44 -6.05 39.36 7.34
N GLY A 45 -6.90 40.33 7.04
CA GLY A 45 -6.71 41.22 5.88
C GLY A 45 -7.56 41.03 4.66
N VAL A 46 -8.48 40.08 4.74
CA VAL A 46 -9.41 39.85 3.64
C VAL A 46 -10.52 40.89 3.77
N ALA A 47 -10.85 41.54 2.67
CA ALA A 47 -11.98 42.44 2.58
C ALA A 47 -13.18 41.55 2.23
N VAL A 48 -14.12 41.52 3.16
CA VAL A 48 -15.19 40.55 3.20
C VAL A 48 -16.43 41.29 2.62
N PHE A 49 -17.17 40.67 1.74
CA PHE A 49 -18.35 41.32 1.11
C PHE A 49 -19.59 40.58 1.50
N ARG A 50 -20.73 41.24 1.35
CA ARG A 50 -22.02 40.63 1.74
C ARG A 50 -22.46 39.56 0.77
N SER A 51 -22.01 39.59 -0.48
CA SER A 51 -22.44 38.57 -1.45
C SER A 51 -21.25 38.12 -2.24
N ALA A 52 -21.31 36.91 -2.77
CA ALA A 52 -20.23 36.44 -3.62
C ALA A 52 -20.05 37.27 -4.91
N PRO A 53 -21.16 37.67 -5.57
CA PRO A 53 -20.92 38.48 -6.75
C PRO A 53 -20.21 39.78 -6.45
N GLU A 54 -20.43 40.38 -5.27
CA GLU A 54 -19.72 41.56 -4.92
C GLU A 54 -18.23 41.27 -4.79
N ALA A 55 -17.87 40.16 -4.15
CA ALA A 55 -16.47 39.84 -3.97
C ALA A 55 -15.75 39.66 -5.28
N VAL A 56 -16.43 39.01 -6.21
CA VAL A 56 -15.91 38.73 -7.52
C VAL A 56 -15.72 39.97 -8.43
N ALA A 57 -16.46 41.06 -8.20
CA ALA A 57 -16.52 42.17 -9.15
C ALA A 57 -15.16 42.71 -9.66
N GLU A 58 -14.17 42.81 -8.79
CA GLU A 58 -12.86 43.43 -9.16
C GLU A 58 -11.72 42.42 -9.18
N ALA A 59 -12.01 41.15 -9.30
CA ALA A 59 -11.02 40.13 -9.09
C ALA A 59 -10.43 39.69 -10.41
N ASP A 60 -9.15 39.37 -10.38
CA ASP A 60 -8.43 38.79 -11.48
C ASP A 60 -8.49 37.25 -11.37
N VAL A 61 -8.67 36.76 -10.15
CA VAL A 61 -8.68 35.30 -9.83
C VAL A 61 -9.85 35.04 -8.86
N VAL A 62 -10.60 33.99 -9.11
CA VAL A 62 -11.68 33.62 -8.17
C VAL A 62 -11.36 32.23 -7.73
N ILE A 63 -11.15 32.03 -6.42
CA ILE A 63 -10.92 30.74 -5.85
C ILE A 63 -12.18 30.32 -5.06
N THR A 64 -12.62 29.07 -5.27
CA THR A 64 -13.68 28.48 -4.46
C THR A 64 -13.15 27.38 -3.61
N MET A 65 -13.66 27.31 -2.39
CA MET A 65 -13.35 26.24 -1.46
C MET A 65 -14.65 25.95 -0.74
N LEU A 66 -15.44 25.05 -1.28
CA LEU A 66 -16.86 24.91 -0.94
C LEU A 66 -17.19 23.42 -0.75
N PRO A 67 -18.28 23.11 0.00
CA PRO A 67 -18.41 21.70 0.47
C PRO A 67 -18.83 20.68 -0.57
N THR A 68 -19.58 21.08 -1.59
CA THR A 68 -20.18 20.11 -2.56
C THR A 68 -20.23 20.67 -3.95
N GLY A 69 -20.39 19.79 -4.96
CA GLY A 69 -20.44 20.25 -6.36
C GLY A 69 -21.69 21.08 -6.60
N GLU A 70 -22.82 20.71 -5.96
CA GLU A 70 -24.03 21.52 -6.05
C GLU A 70 -23.78 22.97 -5.59
N VAL A 71 -23.00 23.16 -4.53
CA VAL A 71 -22.77 24.50 -4.01
C VAL A 71 -21.76 25.24 -4.93
N VAL A 72 -20.78 24.48 -5.47
CA VAL A 72 -19.84 25.08 -6.37
C VAL A 72 -20.62 25.54 -7.60
N ARG A 73 -21.47 24.64 -8.13
CA ARG A 73 -22.21 24.97 -9.33
C ARG A 73 -23.07 26.24 -9.15
N ARG A 74 -23.78 26.30 -8.02
CA ARG A 74 -24.63 27.43 -7.71
C ARG A 74 -23.79 28.70 -7.62
N CYS A 75 -22.64 28.59 -6.98
CA CYS A 75 -21.73 29.73 -6.83
C CYS A 75 -21.33 30.28 -8.19
N TYR A 76 -20.97 29.37 -9.10
CA TYR A 76 -20.58 29.77 -10.44
C TYR A 76 -21.71 30.50 -11.19
N THR A 77 -22.91 29.95 -11.18
CA THR A 77 -23.98 30.61 -11.89
C THR A 77 -24.39 31.94 -11.18
N ASP A 78 -24.15 32.04 -9.90
CA ASP A 78 -24.36 33.27 -9.19
C ASP A 78 -23.32 34.38 -9.51
N VAL A 79 -22.07 34.05 -9.82
CA VAL A 79 -21.00 35.06 -9.95
C VAL A 79 -20.44 35.27 -11.35
N LEU A 80 -20.68 34.33 -12.27
CA LEU A 80 -19.98 34.36 -13.51
C LEU A 80 -20.31 35.65 -14.30
N ALA A 81 -21.56 36.08 -14.32
CA ALA A 81 -21.92 37.33 -15.00
C ALA A 81 -21.32 38.59 -14.33
N ALA A 82 -20.99 38.51 -13.04
CA ALA A 82 -20.35 39.62 -12.35
C ALA A 82 -18.84 39.63 -12.60
N ALA A 83 -18.24 38.56 -13.15
CA ALA A 83 -16.79 38.56 -13.29
C ALA A 83 -16.37 39.28 -14.55
N ARG A 84 -15.17 39.79 -14.55
CA ARG A 84 -14.56 40.35 -15.74
C ARG A 84 -14.09 39.30 -16.71
N PRO A 85 -14.02 39.64 -18.01
CA PRO A 85 -13.74 38.56 -18.93
C PRO A 85 -12.32 38.09 -18.73
N ALA A 86 -12.09 36.85 -19.09
CA ALA A 86 -10.82 36.17 -18.87
C ALA A 86 -10.34 36.16 -17.37
N THR A 87 -11.26 36.30 -16.42
CA THR A 87 -10.94 36.02 -15.03
C THR A 87 -10.51 34.54 -14.88
N LEU A 88 -9.59 34.29 -14.00
CA LEU A 88 -9.15 32.93 -13.75
C LEU A 88 -9.91 32.31 -12.57
N PHE A 89 -10.69 31.30 -12.84
CA PHE A 89 -11.41 30.61 -11.82
C PHE A 89 -10.64 29.35 -11.41
N ILE A 90 -10.42 29.18 -10.13
CA ILE A 90 -9.75 27.97 -9.64
C ILE A 90 -10.65 27.35 -8.58
N ASP A 91 -11.20 26.18 -8.86
CA ASP A 91 -11.92 25.43 -7.83
C ASP A 91 -11.04 24.43 -7.06
N SER A 92 -10.83 24.72 -5.78
CA SER A 92 -10.02 23.87 -4.92
C SER A 92 -10.89 23.02 -3.97
N SER A 93 -12.20 23.08 -4.16
CA SER A 93 -13.15 22.16 -3.50
C SER A 93 -12.83 20.70 -3.95
N THR A 94 -13.25 19.72 -3.16
CA THR A 94 -13.17 18.32 -3.57
C THR A 94 -14.59 17.94 -3.90
N ILE A 95 -14.83 17.74 -5.20
CA ILE A 95 -16.17 17.44 -5.77
C ILE A 95 -16.02 16.32 -6.83
N SER A 96 -17.13 15.77 -7.30
CA SER A 96 -17.02 14.72 -8.29
C SER A 96 -16.36 15.21 -9.58
N VAL A 97 -15.74 14.30 -10.30
CA VAL A 97 -15.15 14.57 -11.61
C VAL A 97 -16.23 15.17 -12.56
N THR A 98 -17.45 14.61 -12.51
CA THR A 98 -18.55 15.08 -13.36
C THR A 98 -18.89 16.52 -13.04
N ASP A 99 -19.01 16.83 -11.75
CA ASP A 99 -19.35 18.23 -11.36
C ASP A 99 -18.17 19.15 -11.74
N ALA A 100 -16.93 18.69 -11.52
CA ALA A 100 -15.79 19.44 -11.95
C ALA A 100 -15.83 19.84 -13.42
N ARG A 101 -16.06 18.87 -14.27
CA ARG A 101 -16.07 19.15 -15.72
C ARG A 101 -17.22 20.03 -16.16
N GLU A 102 -18.34 19.85 -15.52
CA GLU A 102 -19.48 20.70 -15.82
C GLU A 102 -19.25 22.15 -15.43
N VAL A 103 -18.73 22.40 -14.22
CA VAL A 103 -18.44 23.82 -13.87
C VAL A 103 -17.28 24.43 -14.68
N HIS A 104 -16.37 23.60 -15.13
CA HIS A 104 -15.27 23.99 -15.99
C HIS A 104 -15.86 24.49 -17.31
N ALA A 105 -16.75 23.70 -17.91
CA ALA A 105 -17.40 24.05 -19.17
C ALA A 105 -18.24 25.30 -19.00
N LEU A 106 -18.92 25.37 -17.88
CA LEU A 106 -19.73 26.58 -17.63
C LEU A 106 -18.88 27.86 -17.60
N ALA A 107 -17.76 27.78 -16.90
CA ALA A 107 -16.90 28.95 -16.78
C ALA A 107 -16.25 29.33 -18.07
N GLU A 108 -15.76 28.39 -18.82
CA GLU A 108 -15.18 28.69 -20.09
C GLU A 108 -16.23 29.23 -21.08
N SER A 109 -17.47 28.79 -20.98
CA SER A 109 -18.48 29.35 -21.88
C SER A 109 -18.68 30.83 -21.64
N HIS A 110 -18.22 31.35 -20.51
CA HIS A 110 -18.31 32.78 -20.24
C HIS A 110 -17.03 33.52 -20.55
N GLY A 111 -16.12 32.87 -21.22
CA GLY A 111 -14.83 33.49 -21.51
C GLY A 111 -13.91 33.54 -20.33
N MET A 112 -14.17 32.73 -19.33
CA MET A 112 -13.24 32.64 -18.19
C MET A 112 -12.25 31.51 -18.45
N LEU A 113 -11.17 31.49 -17.68
CA LEU A 113 -10.20 30.38 -17.68
C LEU A 113 -10.44 29.66 -16.39
N GLN A 114 -10.48 28.35 -16.42
CA GLN A 114 -10.79 27.56 -15.24
C GLN A 114 -9.96 26.30 -15.00
N LEU A 115 -9.58 26.12 -13.75
CA LEU A 115 -8.93 24.96 -13.25
C LEU A 115 -9.67 24.27 -12.10
N ASP A 116 -9.69 22.94 -12.12
CA ASP A 116 -9.83 22.17 -10.88
C ASP A 116 -8.47 21.98 -10.21
N ALA A 117 -8.41 22.27 -8.93
CA ALA A 117 -7.21 22.21 -8.12
C ALA A 117 -7.52 21.80 -6.70
N PRO A 118 -8.10 20.64 -6.56
CA PRO A 118 -8.32 20.17 -5.19
C PRO A 118 -7.03 19.91 -4.48
N VAL A 119 -7.08 19.89 -3.16
CA VAL A 119 -5.90 19.85 -2.33
C VAL A 119 -5.87 18.72 -1.35
N SER A 120 -4.65 18.29 -1.02
CA SER A 120 -4.38 17.33 0.05
C SER A 120 -3.49 18.03 1.06
N GLY A 121 -3.66 17.71 2.34
CA GLY A 121 -2.82 18.25 3.42
C GLY A 121 -3.57 18.79 4.62
N GLY A 122 -4.87 18.90 4.54
CA GLY A 122 -5.64 19.42 5.62
C GLY A 122 -5.41 20.86 6.13
N VAL A 123 -6.08 21.17 7.25
CA VAL A 123 -5.96 22.47 7.92
C VAL A 123 -4.48 22.81 8.23
N LYS A 124 -3.72 21.78 8.67
CA LYS A 124 -2.32 21.93 9.03
C LYS A 124 -1.52 22.33 7.86
N GLY A 125 -1.70 21.60 6.77
CA GLY A 125 -1.03 21.96 5.54
C GLY A 125 -1.42 23.30 4.94
N ALA A 126 -2.67 23.66 5.11
CA ALA A 126 -3.22 24.93 4.63
C ALA A 126 -2.56 26.04 5.39
N ALA A 127 -2.54 25.94 6.72
CA ALA A 127 -1.86 26.94 7.56
C ALA A 127 -0.37 27.06 7.25
N ALA A 128 0.29 25.92 7.07
CA ALA A 128 1.71 25.91 6.86
C ALA A 128 2.12 26.20 5.37
N ALA A 129 1.13 26.40 4.48
CA ALA A 129 1.36 26.64 3.06
C ALA A 129 2.12 25.45 2.45
N THR A 130 1.76 24.23 2.85
CA THR A 130 2.33 23.06 2.23
C THR A 130 1.32 22.20 1.50
N LEU A 131 0.19 22.73 1.12
CA LEU A 131 -0.82 21.88 0.44
C LEU A 131 -0.31 21.32 -0.87
N ALA A 132 -0.83 20.17 -1.23
CA ALA A 132 -0.53 19.56 -2.52
C ALA A 132 -1.76 19.83 -3.40
N PHE A 133 -1.57 20.61 -4.44
CA PHE A 133 -2.62 20.90 -5.45
C PHE A 133 -2.51 19.94 -6.60
N MET A 134 -3.59 19.21 -6.88
CA MET A 134 -3.65 18.32 -8.04
C MET A 134 -4.54 18.97 -9.08
N VAL A 135 -3.96 19.36 -10.21
CA VAL A 135 -4.60 20.32 -11.12
C VAL A 135 -5.06 19.73 -12.43
N GLY A 136 -6.32 19.98 -12.77
CA GLY A 136 -6.80 19.72 -14.11
C GLY A 136 -7.10 20.98 -14.90
N GLY A 137 -6.78 20.94 -16.18
CA GLY A 137 -6.98 22.08 -17.06
C GLY A 137 -5.83 22.28 -18.02
N ASP A 138 -5.83 23.38 -18.72
CA ASP A 138 -4.82 23.66 -19.74
C ASP A 138 -3.49 24.02 -19.07
N GLU A 139 -2.40 23.53 -19.64
CA GLU A 139 -1.08 23.83 -19.12
C GLU A 139 -0.83 25.35 -19.05
N SER A 140 -1.25 26.09 -20.05
CA SER A 140 -1.04 27.52 -20.09
C SER A 140 -1.88 28.28 -19.02
N THR A 141 -3.07 27.80 -18.74
CA THR A 141 -3.85 28.31 -17.60
C THR A 141 -3.14 28.03 -16.27
N LEU A 142 -2.65 26.80 -16.10
CA LEU A 142 -1.91 26.51 -14.85
C LEU A 142 -0.67 27.44 -14.69
N ARG A 143 0.05 27.64 -15.78
CA ARG A 143 1.18 28.58 -15.72
C ARG A 143 0.79 29.97 -15.20
N ARG A 144 -0.28 30.54 -15.75
CA ARG A 144 -0.85 31.80 -15.25
C ARG A 144 -1.25 31.72 -13.77
N ALA A 145 -1.81 30.59 -13.35
CA ALA A 145 -2.22 30.43 -11.96
C ALA A 145 -1.06 30.23 -10.98
N ARG A 146 0.10 29.78 -11.47
CA ARG A 146 1.18 29.33 -10.58
C ARG A 146 1.57 30.31 -9.47
N PRO A 147 1.73 31.58 -9.79
CA PRO A 147 2.07 32.55 -8.75
C PRO A 147 1.03 32.71 -7.67
N VAL A 148 -0.25 32.41 -7.95
CA VAL A 148 -1.27 32.43 -6.91
C VAL A 148 -1.25 31.16 -6.10
N LEU A 149 -1.02 30.03 -6.74
CA LEU A 149 -0.97 28.74 -6.03
C LEU A 149 0.28 28.60 -5.15
N GLU A 150 1.43 29.07 -5.64
CA GLU A 150 2.67 28.89 -4.91
C GLU A 150 2.66 29.33 -3.42
N PRO A 151 2.06 30.48 -3.05
CA PRO A 151 2.13 30.79 -1.62
C PRO A 151 1.25 29.93 -0.73
N MET A 152 0.35 29.15 -1.34
CA MET A 152 -0.47 28.20 -0.57
C MET A 152 0.09 26.78 -0.56
N ALA A 153 1.12 26.51 -1.35
CA ALA A 153 1.41 25.13 -1.78
C ALA A 153 2.81 24.63 -1.45
N GLY A 154 2.88 23.34 -1.15
CA GLY A 154 4.14 22.60 -1.09
C GLY A 154 4.31 21.89 -2.44
N LYS A 155 3.25 21.64 -3.20
CA LYS A 155 3.38 20.80 -4.38
C LYS A 155 2.23 21.17 -5.30
N ILE A 156 2.54 21.26 -6.59
CA ILE A 156 1.56 21.61 -7.60
C ILE A 156 1.78 20.61 -8.72
N ILE A 157 0.80 19.78 -9.01
CA ILE A 157 0.94 18.76 -10.05
C ILE A 157 -0.12 18.90 -11.11
N HIS A 158 0.29 18.97 -12.36
CA HIS A 158 -0.64 19.02 -13.46
C HIS A 158 -1.03 17.54 -13.79
N CYS A 159 -2.29 17.20 -13.58
CA CYS A 159 -2.79 15.85 -13.77
C CYS A 159 -3.38 15.58 -15.13
N GLY A 160 -3.67 16.63 -15.90
CA GLY A 160 -4.33 16.43 -17.18
C GLY A 160 -5.37 17.51 -17.45
N ALA A 161 -6.29 17.19 -18.34
CA ALA A 161 -7.40 18.11 -18.71
C ALA A 161 -8.40 18.28 -17.54
N ALA A 162 -9.34 19.18 -17.73
CA ALA A 162 -10.31 19.51 -16.71
C ALA A 162 -10.92 18.24 -16.16
N GLY A 163 -10.95 18.16 -14.86
CA GLY A 163 -11.47 17.04 -14.10
C GLY A 163 -10.38 16.11 -13.57
N ALA A 164 -9.19 16.18 -14.18
CA ALA A 164 -8.09 15.26 -13.85
C ALA A 164 -7.56 15.41 -12.46
N GLY A 165 -7.63 16.64 -11.92
CA GLY A 165 -7.18 16.88 -10.56
C GLY A 165 -8.08 16.17 -9.59
N GLN A 166 -9.41 16.31 -9.80
CA GLN A 166 -10.38 15.57 -8.95
C GLN A 166 -10.20 14.03 -9.09
N ALA A 167 -9.99 13.56 -10.32
CA ALA A 167 -9.88 12.14 -10.54
C ALA A 167 -8.60 11.60 -9.84
N ALA A 168 -7.51 12.35 -9.98
CA ALA A 168 -6.24 11.90 -9.37
C ALA A 168 -6.36 11.78 -7.84
N LYS A 169 -6.92 12.83 -7.22
CA LYS A 169 -7.02 12.80 -5.77
C LYS A 169 -7.95 11.66 -5.31
N VAL A 170 -9.07 11.46 -6.01
CA VAL A 170 -10.05 10.44 -5.59
C VAL A 170 -9.47 9.02 -5.73
N CYS A 171 -8.68 8.80 -6.78
CA CYS A 171 -8.02 7.48 -6.98
C CYS A 171 -6.95 7.26 -5.91
N ASN A 172 -6.14 8.26 -5.63
CA ASN A 172 -5.16 8.13 -4.55
C ASN A 172 -5.81 7.85 -3.20
N ASN A 173 -6.85 8.64 -2.84
CA ASN A 173 -7.53 8.43 -1.56
C ASN A 173 -8.29 7.10 -1.40
N MET A 174 -8.80 6.55 -2.50
CA MET A 174 -9.43 5.25 -2.46
C MET A 174 -8.35 4.19 -2.13
N VAL A 175 -7.18 4.29 -2.78
CA VAL A 175 -6.07 3.39 -2.50
C VAL A 175 -5.67 3.52 -1.03
N LEU A 176 -5.55 4.75 -0.59
CA LEU A 176 -5.12 5.05 0.79
C LEU A 176 -6.05 4.38 1.82
N ALA A 177 -7.35 4.48 1.57
CA ALA A 177 -8.35 3.93 2.51
C ALA A 177 -8.18 2.41 2.60
N VAL A 178 -8.03 1.77 1.45
CA VAL A 178 -7.83 0.34 1.40
C VAL A 178 -6.54 -0.05 2.17
N GLN A 179 -5.45 0.68 1.97
CA GLN A 179 -4.15 0.41 2.63
C GLN A 179 -4.27 0.58 4.16
N GLN A 180 -5.01 1.63 4.62
CA GLN A 180 -5.14 1.90 6.05
C GLN A 180 -5.88 0.76 6.72
N ILE A 181 -6.88 0.22 6.03
CA ILE A 181 -7.57 -0.95 6.50
C ILE A 181 -6.70 -2.20 6.44
N ALA A 182 -6.04 -2.41 5.31
CA ALA A 182 -5.19 -3.59 5.19
C ALA A 182 -4.08 -3.65 6.28
N ILE A 183 -3.46 -2.48 6.54
CA ILE A 183 -2.43 -2.36 7.55
C ILE A 183 -3.03 -2.66 8.92
N ALA A 184 -4.22 -2.12 9.23
CA ALA A 184 -4.84 -2.44 10.49
C ALA A 184 -5.09 -3.95 10.67
N GLU A 185 -5.62 -4.59 9.63
CA GLU A 185 -5.83 -6.05 9.66
C GLU A 185 -4.54 -6.79 9.91
N ALA A 186 -3.46 -6.35 9.26
CA ALA A 186 -2.16 -6.97 9.45
C ALA A 186 -1.69 -6.83 10.90
N PHE A 187 -1.77 -5.63 11.50
CA PHE A 187 -1.43 -5.50 12.93
C PHE A 187 -2.25 -6.34 13.87
N VAL A 188 -3.55 -6.50 13.62
CA VAL A 188 -4.34 -7.31 14.57
C VAL A 188 -4.09 -8.80 14.36
N LEU A 189 -3.93 -9.24 13.11
CA LEU A 189 -3.52 -10.60 12.85
C LEU A 189 -2.19 -10.92 13.55
N ALA A 190 -1.20 -10.01 13.47
CA ALA A 190 0.12 -10.28 14.00
C ALA A 190 0.03 -10.45 15.51
N GLU A 191 -0.72 -9.57 16.13
CA GLU A 191 -0.95 -9.60 17.55
C GLU A 191 -1.60 -10.95 17.99
N LYS A 192 -2.62 -11.41 17.29
CA LYS A 192 -3.18 -12.73 17.57
C LYS A 192 -2.23 -13.89 17.30
N LEU A 193 -1.32 -13.76 16.36
CA LEU A 193 -0.29 -14.77 16.09
C LEU A 193 0.89 -14.75 17.03
N GLY A 194 0.97 -13.74 17.90
CA GLY A 194 2.03 -13.60 18.92
C GLY A 194 3.26 -12.85 18.33
N LEU A 195 3.06 -12.18 17.20
CA LEU A 195 4.13 -11.39 16.58
C LEU A 195 3.99 -9.96 17.06
N SER A 196 5.02 -9.44 17.72
CA SER A 196 4.95 -8.06 18.31
C SER A 196 4.73 -6.96 17.18
N ALA A 197 4.09 -5.87 17.55
CA ALA A 197 3.87 -4.72 16.69
C ALA A 197 5.14 -4.15 16.12
N GLN A 198 6.17 -4.05 16.93
CA GLN A 198 7.44 -3.54 16.49
C GLN A 198 8.10 -4.46 15.44
N SER A 199 8.00 -5.78 15.62
CA SER A 199 8.51 -6.74 14.65
C SER A 199 7.80 -6.65 13.35
N LEU A 200 6.47 -6.72 13.38
CA LEU A 200 5.70 -6.55 12.13
C LEU A 200 6.08 -5.24 11.45
N PHE A 201 6.09 -4.14 12.23
CA PHE A 201 6.52 -2.83 11.69
C PHE A 201 7.88 -2.86 11.02
N ASP A 202 8.90 -3.32 11.73
CA ASP A 202 10.24 -3.52 11.12
C ASP A 202 10.21 -4.35 9.82
N VAL A 203 9.42 -5.44 9.77
CA VAL A 203 9.38 -6.27 8.54
C VAL A 203 8.66 -5.50 7.43
N ILE A 204 7.42 -5.07 7.69
CA ILE A 204 6.62 -4.51 6.62
C ILE A 204 7.26 -3.25 6.01
N THR A 205 7.81 -2.37 6.86
CA THR A 205 8.46 -1.18 6.36
C THR A 205 9.74 -1.46 5.54
N GLY A 206 10.42 -2.59 5.76
CA GLY A 206 11.54 -3.01 4.91
C GLY A 206 11.13 -3.93 3.78
N ALA A 207 9.84 -4.12 3.56
CA ALA A 207 9.36 -5.13 2.60
C ALA A 207 8.32 -4.54 1.62
N THR A 208 7.72 -5.41 0.81
CA THR A 208 6.86 -4.99 -0.31
C THR A 208 5.55 -4.33 0.16
N GLY A 209 5.14 -4.62 1.38
CA GLY A 209 3.90 -4.09 1.90
C GLY A 209 4.01 -2.65 2.42
N ASN A 210 5.21 -2.06 2.43
CA ASN A 210 5.38 -0.73 3.02
C ASN A 210 4.49 0.33 2.34
N CYS A 211 3.98 1.27 3.14
CA CYS A 211 3.22 2.38 2.67
C CYS A 211 3.03 3.34 3.80
N TRP A 212 2.59 4.55 3.46
CA TRP A 212 2.44 5.67 4.40
C TRP A 212 1.53 5.29 5.57
N ALA A 213 0.47 4.53 5.27
CA ALA A 213 -0.45 3.97 6.24
C ALA A 213 0.23 3.25 7.43
N VAL A 214 1.42 2.68 7.17
CA VAL A 214 2.22 2.12 8.21
C VAL A 214 3.38 3.00 8.57
N HIS A 215 4.18 3.49 7.60
CA HIS A 215 5.45 4.11 8.00
C HIS A 215 5.25 5.43 8.69
N THR A 216 4.11 6.07 8.44
CA THR A 216 3.73 7.34 9.08
C THR A 216 2.46 7.28 9.91
N ASN A 217 1.48 6.51 9.46
CA ASN A 217 0.22 6.51 10.15
C ASN A 217 -0.02 5.26 10.98
N CYS A 218 1.03 4.59 11.38
CA CYS A 218 0.94 3.27 12.04
C CYS A 218 -0.19 3.27 13.07
N PRO A 219 -1.15 2.31 12.97
CA PRO A 219 -2.34 2.38 13.81
C PRO A 219 -2.23 1.77 15.19
N VAL A 220 -1.05 1.30 15.57
CA VAL A 220 -0.79 0.82 16.94
C VAL A 220 0.24 1.74 17.59
N PRO A 221 0.10 2.04 18.90
CA PRO A 221 1.04 2.97 19.54
C PRO A 221 2.44 2.33 19.62
N GLY A 222 3.48 3.12 19.46
CA GLY A 222 4.88 2.65 19.70
C GLY A 222 5.78 2.85 18.51
N PRO A 223 5.54 2.13 17.40
CA PRO A 223 6.56 2.19 16.33
C PRO A 223 6.81 3.53 15.68
N VAL A 224 5.81 4.39 15.68
CA VAL A 224 5.96 5.70 15.08
C VAL A 224 5.34 6.67 16.12
N PRO A 225 6.19 7.18 17.05
CA PRO A 225 5.66 8.03 18.19
C PRO A 225 4.73 9.16 17.78
N THR A 226 4.91 9.72 16.58
CA THR A 226 4.02 10.79 16.13
C THR A 226 2.68 10.34 15.53
N SER A 227 2.44 9.04 15.31
CA SER A 227 1.24 8.62 14.56
C SER A 227 0.02 8.86 15.47
N PRO A 228 -1.15 9.09 14.87
CA PRO A 228 -2.36 9.36 15.68
C PRO A 228 -2.70 8.32 16.78
N ALA A 229 -2.30 7.08 16.57
CA ALA A 229 -2.53 6.03 17.54
C ALA A 229 -1.93 6.31 18.95
N ASN A 230 -0.91 7.14 19.01
CA ASN A 230 -0.22 7.48 20.27
C ASN A 230 -0.84 8.72 20.92
N ASN A 231 -1.85 9.28 20.28
CA ASN A 231 -2.52 10.50 20.71
C ASN A 231 -4.05 10.43 20.58
N ASP A 232 -4.62 9.37 21.11
CA ASP A 232 -6.03 9.11 21.13
C ASP A 232 -6.74 9.20 19.77
N PHE A 233 -6.01 8.92 18.71
CA PHE A 233 -6.47 8.96 17.34
C PHE A 233 -7.01 10.36 16.91
N LYS A 234 -6.38 11.41 17.43
CA LYS A 234 -6.70 12.75 17.04
C LYS A 234 -6.27 12.90 15.58
N PRO A 235 -7.09 13.52 14.74
CA PRO A 235 -6.70 13.75 13.35
C PRO A 235 -5.56 14.77 13.29
N GLY A 236 -4.58 14.63 12.43
CA GLY A 236 -4.56 13.76 11.28
C GLY A 236 -5.54 13.98 10.16
N PHE A 237 -6.03 12.89 9.61
CA PHE A 237 -7.01 12.86 8.57
C PHE A 237 -8.26 12.17 9.11
N SER A 238 -9.32 12.93 9.34
CA SER A 238 -10.51 12.41 10.02
C SER A 238 -11.25 11.37 9.19
N THR A 239 -11.84 10.40 9.89
CA THR A 239 -12.81 9.44 9.29
C THR A 239 -13.91 10.16 8.50
N ALA A 240 -14.39 11.28 9.03
CA ALA A 240 -15.40 12.09 8.32
C ALA A 240 -14.96 12.50 6.91
N LEU A 241 -13.73 13.02 6.83
CA LEU A 241 -13.13 13.46 5.56
C LEU A 241 -12.81 12.29 4.67
N MET A 242 -12.35 11.19 5.26
CA MET A 242 -12.04 10.03 4.43
C MET A 242 -13.36 9.47 3.87
N ASN A 243 -14.38 9.42 4.73
CA ASN A 243 -15.69 8.93 4.32
C ASN A 243 -16.23 9.81 3.14
N LYS A 244 -16.00 11.11 3.23
CA LYS A 244 -16.40 12.02 2.13
C LYS A 244 -15.71 11.68 0.81
N ASP A 245 -14.38 11.46 0.82
CA ASP A 245 -13.65 11.09 -0.39
C ASP A 245 -14.07 9.78 -1.02
N LEU A 246 -14.33 8.79 -0.18
CA LEU A 246 -14.75 7.48 -0.64
C LEU A 246 -16.16 7.57 -1.22
N GLY A 247 -17.01 8.44 -0.68
CA GLY A 247 -18.34 8.71 -1.32
C GLY A 247 -18.21 9.21 -2.75
N LEU A 248 -17.27 10.13 -2.90
CA LEU A 248 -16.92 10.61 -4.23
C LEU A 248 -16.33 9.53 -5.11
N ALA A 249 -15.49 8.68 -4.52
CA ALA A 249 -14.93 7.58 -5.28
C ALA A 249 -16.06 6.64 -5.73
N MET A 250 -17.04 6.39 -4.86
CA MET A 250 -18.17 5.51 -5.23
C MET A 250 -19.06 6.15 -6.30
N ASP A 251 -19.22 7.48 -6.23
CA ASP A 251 -19.86 8.25 -7.34
C ASP A 251 -19.15 8.03 -8.65
N ALA A 252 -17.84 8.17 -8.64
CA ALA A 252 -17.09 7.99 -9.86
C ALA A 252 -17.19 6.54 -10.38
N VAL A 253 -17.20 5.59 -9.46
CA VAL A 253 -17.33 4.16 -9.81
C VAL A 253 -18.72 3.95 -10.42
N ALA A 254 -19.74 4.55 -9.79
CA ALA A 254 -21.13 4.40 -10.30
C ALA A 254 -21.24 5.07 -11.66
N ALA A 255 -20.70 6.27 -11.80
CA ALA A 255 -20.81 6.96 -13.07
C ALA A 255 -20.07 6.26 -14.21
N THR A 256 -19.00 5.55 -13.95
CA THR A 256 -18.25 4.89 -15.01
C THR A 256 -18.54 3.41 -15.25
N GLY A 257 -19.32 2.82 -14.39
CA GLY A 257 -19.46 1.36 -14.36
C GLY A 257 -18.20 0.58 -14.02
N ALA A 258 -17.29 1.16 -13.24
CA ALA A 258 -15.99 0.54 -12.99
C ALA A 258 -16.19 -0.59 -11.97
N THR A 259 -15.27 -1.55 -11.97
CA THR A 259 -15.25 -2.67 -10.99
C THR A 259 -14.24 -2.29 -9.97
N ALA A 260 -14.65 -2.00 -8.74
CA ALA A 260 -13.74 -1.63 -7.67
C ALA A 260 -14.09 -2.34 -6.34
N PRO A 261 -13.85 -3.67 -6.28
CA PRO A 261 -14.32 -4.43 -5.15
C PRO A 261 -13.68 -4.03 -3.81
N LEU A 262 -12.37 -3.85 -3.76
CA LEU A 262 -11.76 -3.49 -2.51
C LEU A 262 -12.02 -2.02 -2.13
N GLY A 263 -11.92 -1.13 -3.09
CA GLY A 263 -12.32 0.25 -2.86
C GLY A 263 -13.76 0.42 -2.36
N SER A 264 -14.69 -0.29 -2.98
CA SER A 264 -16.11 -0.25 -2.48
C SER A 264 -16.30 -0.83 -1.12
N HIS A 265 -15.59 -1.93 -0.85
CA HIS A 265 -15.62 -2.53 0.48
C HIS A 265 -15.07 -1.57 1.56
N ALA A 266 -13.98 -0.91 1.22
CA ALA A 266 -13.40 0.10 2.10
C ALA A 266 -14.39 1.21 2.36
N ALA A 267 -15.10 1.63 1.31
CA ALA A 267 -16.06 2.68 1.41
C ALA A 267 -17.15 2.23 2.37
N ASP A 268 -17.67 1.01 2.21
CA ASP A 268 -18.67 0.46 3.16
C ASP A 268 -18.16 0.51 4.59
N ILE A 269 -16.90 0.09 4.78
CA ILE A 269 -16.32 0.02 6.09
C ILE A 269 -16.23 1.40 6.73
N TYR A 270 -15.76 2.38 5.96
CA TYR A 270 -15.57 3.70 6.52
C TYR A 270 -16.89 4.44 6.74
N ALA A 271 -17.90 4.21 5.89
CA ALA A 271 -19.23 4.79 6.10
C ALA A 271 -19.85 4.34 7.43
N LYS A 272 -19.74 3.06 7.73
CA LYS A 272 -20.21 2.52 8.98
C LYS A 272 -19.40 3.07 10.14
N PHE A 273 -18.10 3.11 10.03
CA PHE A 273 -17.23 3.65 11.06
C PHE A 273 -17.52 5.12 11.33
N ALA A 274 -17.83 5.88 10.29
CA ALA A 274 -18.08 7.31 10.44
C ALA A 274 -19.39 7.57 11.23
N ALA A 275 -20.28 6.59 11.29
CA ALA A 275 -21.51 6.70 12.08
C ALA A 275 -21.24 6.79 13.53
N ASP A 276 -20.10 6.25 13.96
CA ASP A 276 -19.66 6.29 15.37
C ASP A 276 -18.45 7.11 15.74
N HIS A 277 -17.50 7.23 14.82
CA HIS A 277 -16.21 7.74 15.13
C HIS A 277 -15.66 8.76 14.07
N ALA A 278 -16.58 9.52 13.53
CA ALA A 278 -16.25 10.49 12.45
C ALA A 278 -15.11 11.47 12.80
N ASP A 279 -14.96 11.79 14.08
CA ASP A 279 -13.98 12.67 14.59
C ASP A 279 -12.61 12.06 14.85
N LEU A 280 -12.48 10.76 14.73
CA LEU A 280 -11.21 10.14 14.90
C LEU A 280 -10.46 10.03 13.58
N ASP A 281 -9.15 10.02 13.70
CA ASP A 281 -8.29 9.73 12.58
C ASP A 281 -8.77 8.44 11.94
N PHE A 282 -8.74 8.41 10.61
CA PHE A 282 -9.13 7.25 9.87
C PHE A 282 -8.36 5.98 10.20
N SER A 283 -7.16 6.07 10.76
CA SER A 283 -6.42 4.87 11.18
C SER A 283 -7.07 4.12 12.36
N ALA A 284 -7.99 4.82 13.06
CA ALA A 284 -8.75 4.22 14.15
C ALA A 284 -9.66 3.07 13.75
N VAL A 285 -9.86 2.90 12.45
CA VAL A 285 -10.57 1.76 11.87
C VAL A 285 -10.08 0.44 12.37
N ILE A 286 -8.82 0.40 12.83
CA ILE A 286 -8.26 -0.82 13.41
C ILE A 286 -9.17 -1.37 14.53
N HIS A 287 -9.89 -0.50 15.21
CA HIS A 287 -10.73 -0.89 16.30
C HIS A 287 -12.16 -1.17 15.96
N THR A 288 -12.50 -1.18 14.70
CA THR A 288 -13.90 -1.46 14.32
C THR A 288 -14.00 -2.73 13.51
N LEU A 289 -12.90 -3.48 13.46
CA LEU A 289 -12.82 -4.70 12.69
C LEU A 289 -13.76 -5.80 13.18
N ARG A 290 -14.00 -5.86 14.49
CA ARG A 290 -14.92 -6.85 15.04
C ARG A 290 -16.38 -6.40 14.91
N ALA A 291 -16.66 -5.10 14.82
CA ALA A 291 -18.04 -4.71 14.56
C ALA A 291 -18.67 -5.62 13.50
N MET B 2 32.69 -22.50 7.75
CA MET B 2 32.57 -23.70 6.86
C MET B 2 32.08 -24.90 7.66
N THR B 3 30.81 -25.22 7.45
CA THR B 3 30.20 -26.36 8.05
C THR B 3 29.56 -27.26 6.98
N THR B 4 29.07 -28.41 7.44
CA THR B 4 28.41 -29.39 6.59
C THR B 4 26.89 -29.19 6.70
N ILE B 5 26.22 -29.03 5.56
CA ILE B 5 24.81 -28.66 5.50
C ILE B 5 24.10 -29.71 4.65
N ALA B 6 23.05 -30.31 5.19
CA ALA B 6 22.12 -31.12 4.39
C ALA B 6 21.05 -30.19 3.85
N PHE B 7 20.75 -30.30 2.59
CA PHE B 7 19.78 -29.45 1.96
C PHE B 7 18.71 -30.37 1.33
N LEU B 8 17.51 -30.34 1.91
CA LEU B 8 16.38 -31.17 1.51
C LEU B 8 15.36 -30.31 0.77
N GLY B 9 15.24 -30.52 -0.53
CA GLY B 9 14.41 -29.63 -1.38
C GLY B 9 15.30 -28.81 -2.23
N LEU B 10 15.54 -29.28 -3.48
CA LEU B 10 16.49 -28.71 -4.40
C LEU B 10 15.79 -28.22 -5.67
N GLY B 11 14.62 -27.62 -5.47
CA GLY B 11 13.77 -27.13 -6.55
C GLY B 11 14.10 -25.74 -7.02
N ASN B 12 13.12 -25.03 -7.53
CA ASN B 12 13.33 -23.67 -8.04
C ASN B 12 14.08 -22.73 -7.07
N MET B 13 13.83 -22.90 -5.79
CA MET B 13 14.42 -22.09 -4.78
C MET B 13 15.62 -22.81 -4.17
N GLY B 14 15.45 -24.06 -3.78
CA GLY B 14 16.56 -24.80 -3.21
C GLY B 14 17.83 -24.98 -4.04
N ALA B 15 17.67 -25.14 -5.37
CA ALA B 15 18.82 -25.34 -6.22
C ALA B 15 19.74 -24.15 -6.17
N PRO B 16 19.23 -22.94 -6.45
CA PRO B 16 20.18 -21.79 -6.42
C PRO B 16 20.67 -21.46 -5.00
N MET B 17 19.82 -21.70 -3.99
CA MET B 17 20.21 -21.49 -2.59
C MET B 17 21.42 -22.40 -2.26
N SER B 18 21.29 -23.64 -2.63
CA SER B 18 22.34 -24.62 -2.36
C SER B 18 23.60 -24.31 -3.13
N ALA B 19 23.47 -23.83 -4.36
CA ALA B 19 24.64 -23.41 -5.12
C ALA B 19 25.43 -22.31 -4.46
N ASN B 20 24.77 -21.33 -3.86
CA ASN B 20 25.49 -20.29 -3.13
C ASN B 20 26.21 -20.79 -1.89
N LEU B 21 25.63 -21.80 -1.21
CA LEU B 21 26.27 -22.42 -0.09
C LEU B 21 27.54 -23.19 -0.54
N VAL B 22 27.47 -23.89 -1.66
CA VAL B 22 28.67 -24.53 -2.22
C VAL B 22 29.72 -23.48 -2.59
N GLY B 23 29.32 -22.41 -3.24
CA GLY B 23 30.25 -21.32 -3.62
C GLY B 23 30.94 -20.65 -2.41
N ALA B 24 30.29 -20.69 -1.24
CA ALA B 24 30.86 -20.09 -0.04
C ALA B 24 31.76 -21.04 0.67
N GLY B 25 31.89 -22.27 0.17
CA GLY B 25 32.86 -23.24 0.71
C GLY B 25 32.25 -24.23 1.63
N HIS B 26 30.90 -24.26 1.79
CA HIS B 26 30.28 -25.32 2.65
C HIS B 26 30.24 -26.63 1.88
N VAL B 27 30.29 -27.73 2.61
CA VAL B 27 30.00 -29.06 2.07
C VAL B 27 28.48 -29.19 2.15
N VAL B 28 27.84 -29.40 1.01
CA VAL B 28 26.39 -29.48 0.95
C VAL B 28 25.96 -30.88 0.50
N ARG B 29 25.20 -31.53 1.36
CA ARG B 29 24.69 -32.87 1.15
C ARG B 29 23.21 -32.77 0.79
N GLY B 30 22.81 -33.17 -0.40
CA GLY B 30 21.47 -32.82 -0.88
C GLY B 30 20.60 -34.03 -0.98
N PHE B 31 19.30 -33.85 -0.81
CA PHE B 31 18.39 -34.85 -1.23
C PHE B 31 17.15 -34.17 -1.81
N ASP B 32 16.61 -34.74 -2.88
CA ASP B 32 15.32 -34.33 -3.40
C ASP B 32 14.84 -35.54 -4.17
N PRO B 33 13.58 -35.98 -3.97
CA PRO B 33 13.13 -37.19 -4.69
C PRO B 33 12.80 -36.96 -6.18
N ALA B 34 12.80 -35.74 -6.66
CA ALA B 34 12.69 -35.51 -8.07
C ALA B 34 14.13 -35.54 -8.66
N PRO B 35 14.48 -36.58 -9.45
CA PRO B 35 15.88 -36.77 -9.90
C PRO B 35 16.39 -35.63 -10.75
N THR B 36 15.50 -34.98 -11.46
CA THR B 36 15.84 -33.77 -12.21
C THR B 36 16.43 -32.65 -11.32
N ALA B 37 15.73 -32.33 -10.26
CA ALA B 37 16.20 -31.37 -9.30
C ALA B 37 17.54 -31.81 -8.71
N ALA B 38 17.63 -33.05 -8.25
CA ALA B 38 18.87 -33.60 -7.70
C ALA B 38 20.05 -33.50 -8.69
N SER B 39 19.79 -33.83 -9.96
CA SER B 39 20.85 -33.80 -11.01
C SER B 39 21.39 -32.40 -11.15
N GLY B 40 20.47 -31.44 -11.23
CA GLY B 40 20.86 -30.02 -11.39
C GLY B 40 21.70 -29.48 -10.23
N ALA B 41 21.35 -29.90 -9.03
CA ALA B 41 22.10 -29.53 -7.87
C ALA B 41 23.50 -30.15 -7.80
N ALA B 42 23.62 -31.43 -8.11
CA ALA B 42 24.91 -32.14 -8.26
C ALA B 42 25.86 -31.42 -9.25
N ALA B 43 25.31 -30.94 -10.36
CA ALA B 43 26.11 -30.16 -11.34
C ALA B 43 26.77 -28.92 -10.77
N HIS B 44 26.11 -28.23 -9.82
N HIS B 44 26.15 -28.29 -9.78
CA HIS B 44 26.73 -27.08 -9.11
CA HIS B 44 26.72 -27.13 -9.12
C HIS B 44 27.49 -27.44 -7.82
C HIS B 44 27.49 -27.45 -7.83
N GLY B 45 27.73 -28.74 -7.57
CA GLY B 45 28.58 -29.19 -6.47
C GLY B 45 27.93 -29.75 -5.20
N VAL B 46 26.62 -29.93 -5.21
CA VAL B 46 25.96 -30.56 -4.09
C VAL B 46 26.26 -32.07 -4.18
N ALA B 47 26.64 -32.67 -3.06
CA ALA B 47 26.78 -34.13 -3.05
C ALA B 47 25.36 -34.66 -2.78
N VAL B 48 24.81 -35.41 -3.72
CA VAL B 48 23.47 -35.87 -3.67
C VAL B 48 23.42 -37.29 -3.08
N PHE B 49 22.46 -37.56 -2.20
CA PHE B 49 22.34 -38.83 -1.51
C PHE B 49 21.09 -39.55 -1.97
N ARG B 50 21.04 -40.84 -1.64
CA ARG B 50 19.96 -41.70 -2.05
C ARG B 50 18.68 -41.47 -1.21
N SER B 51 18.84 -40.89 0.00
CA SER B 51 17.72 -40.77 0.89
C SER B 51 17.93 -39.58 1.78
N ALA B 52 16.84 -39.04 2.28
CA ALA B 52 16.93 -37.89 3.17
C ALA B 52 17.64 -38.25 4.45
N PRO B 53 17.34 -39.43 5.06
CA PRO B 53 18.09 -39.83 6.28
C PRO B 53 19.56 -39.94 6.09
N GLU B 54 20.00 -40.42 4.94
CA GLU B 54 21.44 -40.41 4.69
C GLU B 54 22.04 -39.05 4.53
N ALA B 55 21.35 -38.13 3.85
CA ALA B 55 21.95 -36.79 3.67
C ALA B 55 22.15 -36.10 5.02
N VAL B 56 21.21 -36.28 5.94
CA VAL B 56 21.26 -35.62 7.23
C VAL B 56 22.15 -36.26 8.30
N ALA B 57 22.62 -37.44 8.03
CA ALA B 57 23.32 -38.22 9.04
C ALA B 57 24.58 -37.60 9.51
N GLU B 58 25.28 -36.91 8.65
CA GLU B 58 26.52 -36.26 9.04
C GLU B 58 26.47 -34.76 8.74
N ALA B 59 25.41 -34.07 9.14
CA ALA B 59 25.30 -32.63 8.90
C ALA B 59 25.20 -31.87 10.23
N ASP B 60 25.85 -30.72 10.28
CA ASP B 60 25.74 -29.76 11.35
C ASP B 60 24.42 -28.96 11.24
N VAL B 61 23.95 -28.77 10.02
CA VAL B 61 22.78 -27.96 9.72
C VAL B 61 21.95 -28.71 8.67
N VAL B 62 20.63 -28.71 8.84
CA VAL B 62 19.67 -29.24 7.87
C VAL B 62 18.74 -28.16 7.42
N ILE B 63 18.71 -27.86 6.11
CA ILE B 63 17.82 -26.87 5.57
C ILE B 63 16.77 -27.59 4.78
N THR B 64 15.52 -27.19 4.94
CA THR B 64 14.39 -27.67 4.15
C THR B 64 13.80 -26.50 3.35
N MET B 65 13.52 -26.76 2.09
CA MET B 65 12.97 -25.79 1.16
C MET B 65 11.91 -26.53 0.34
N LEU B 66 10.74 -26.74 0.98
CA LEU B 66 9.79 -27.71 0.56
C LEU B 66 8.43 -27.06 0.29
N PRO B 67 7.55 -27.72 -0.48
CA PRO B 67 6.34 -27.09 -0.97
C PRO B 67 5.26 -26.75 0.04
N THR B 68 5.01 -27.60 1.06
CA THR B 68 3.90 -27.45 1.98
C THR B 68 4.24 -27.88 3.38
N GLY B 69 3.45 -27.41 4.32
CA GLY B 69 3.51 -27.87 5.70
C GLY B 69 3.45 -29.38 5.90
N GLU B 70 2.57 -30.02 5.16
CA GLU B 70 2.46 -31.48 5.19
C GLU B 70 3.79 -32.14 4.77
N VAL B 71 4.39 -31.64 3.69
CA VAL B 71 5.67 -32.23 3.19
C VAL B 71 6.78 -31.98 4.26
N VAL B 72 6.78 -30.80 4.89
CA VAL B 72 7.80 -30.50 5.92
C VAL B 72 7.62 -31.44 7.11
N ARG B 73 6.40 -31.59 7.58
CA ARG B 73 6.03 -32.48 8.68
C ARG B 73 6.49 -33.89 8.38
N ARG B 74 6.15 -34.38 7.20
CA ARG B 74 6.55 -35.71 6.82
C ARG B 74 8.04 -35.88 6.72
N CYS B 75 8.72 -34.90 6.13
CA CYS B 75 10.16 -34.92 6.04
C CYS B 75 10.81 -34.97 7.45
N TYR B 76 10.38 -34.09 8.34
CA TYR B 76 10.87 -34.10 9.73
C TYR B 76 10.67 -35.45 10.39
N THR B 77 9.46 -35.99 10.24
CA THR B 77 9.21 -37.33 10.75
C THR B 77 10.14 -38.40 10.22
N ASP B 78 10.49 -38.29 8.94
N ASP B 78 10.53 -38.33 8.96
CA ASP B 78 11.45 -39.17 8.27
CA ASP B 78 11.46 -39.31 8.41
C ASP B 78 12.90 -39.02 8.76
C ASP B 78 12.95 -39.04 8.73
N VAL B 79 13.36 -37.81 9.04
CA VAL B 79 14.79 -37.55 9.21
C VAL B 79 15.27 -37.22 10.60
N LEU B 80 14.39 -36.73 11.50
CA LEU B 80 14.89 -36.22 12.76
C LEU B 80 15.71 -37.23 13.56
N ALA B 81 15.25 -38.47 13.63
CA ALA B 81 15.97 -39.56 14.34
C ALA B 81 17.29 -39.91 13.67
N ALA B 82 17.42 -39.63 12.38
CA ALA B 82 18.70 -39.81 11.68
C ALA B 82 19.75 -38.76 11.98
N ALA B 83 19.36 -37.57 12.45
CA ALA B 83 20.31 -36.47 12.53
C ALA B 83 21.09 -36.67 13.81
N ARG B 84 22.27 -36.08 13.91
CA ARG B 84 23.02 -36.11 15.14
C ARG B 84 22.35 -35.16 16.19
N PRO B 85 22.38 -35.51 17.48
CA PRO B 85 21.78 -34.66 18.54
C PRO B 85 22.29 -33.25 18.49
N ALA B 86 21.39 -32.28 18.59
CA ALA B 86 21.74 -30.85 18.56
C ALA B 86 22.17 -30.33 17.20
N THR B 87 21.78 -31.04 16.17
CA THR B 87 21.81 -30.51 14.80
C THR B 87 20.78 -29.35 14.64
N LEU B 88 21.15 -28.34 13.84
CA LEU B 88 20.34 -27.14 13.65
C LEU B 88 19.50 -27.29 12.40
N PHE B 89 18.19 -27.38 12.57
CA PHE B 89 17.24 -27.45 11.41
C PHE B 89 16.77 -26.04 11.12
N ILE B 90 16.89 -25.61 9.88
CA ILE B 90 16.28 -24.38 9.39
C ILE B 90 15.26 -24.71 8.30
N ASP B 91 14.01 -24.38 8.57
CA ASP B 91 12.96 -24.54 7.55
C ASP B 91 12.73 -23.19 6.84
N SER B 92 13.13 -23.13 5.59
CA SER B 92 12.90 -21.91 4.77
C SER B 92 11.71 -22.04 3.83
N SER B 93 10.96 -23.16 3.91
CA SER B 93 9.65 -23.28 3.27
C SER B 93 8.66 -22.20 3.81
N THR B 94 7.68 -21.88 2.99
CA THR B 94 6.60 -21.07 3.40
C THR B 94 5.43 -21.95 3.79
N ILE B 95 5.07 -21.95 5.09
CA ILE B 95 4.07 -22.89 5.60
C ILE B 95 3.22 -22.15 6.63
N SER B 96 2.09 -22.73 7.05
CA SER B 96 1.19 -22.03 8.01
C SER B 96 1.87 -21.80 9.35
N VAL B 97 1.46 -20.78 10.10
CA VAL B 97 2.07 -20.57 11.38
C VAL B 97 1.85 -21.79 12.32
N THR B 98 0.67 -22.36 12.23
CA THR B 98 0.35 -23.55 13.02
C THR B 98 1.30 -24.71 12.66
N ASP B 99 1.48 -24.96 11.37
CA ASP B 99 2.40 -26.01 10.95
C ASP B 99 3.84 -25.75 11.45
N ALA B 100 4.31 -24.51 11.34
CA ALA B 100 5.61 -24.14 11.81
C ALA B 100 5.87 -24.45 13.27
N ARG B 101 4.91 -24.07 14.11
CA ARG B 101 5.00 -24.32 15.54
C ARG B 101 5.01 -25.83 15.81
N GLU B 102 4.20 -26.57 15.07
CA GLU B 102 4.14 -28.02 15.24
C GLU B 102 5.50 -28.64 14.86
N VAL B 103 6.01 -28.28 13.70
CA VAL B 103 7.34 -28.89 13.29
C VAL B 103 8.51 -28.46 14.18
N HIS B 104 8.43 -27.24 14.68
CA HIS B 104 9.41 -26.70 15.60
C HIS B 104 9.42 -27.53 16.89
N ALA B 105 8.27 -27.71 17.51
CA ALA B 105 8.14 -28.55 18.68
C ALA B 105 8.60 -30.00 18.42
N LEU B 106 8.30 -30.52 17.24
CA LEU B 106 8.73 -31.88 16.91
C LEU B 106 10.26 -31.96 16.84
N ALA B 107 10.88 -30.98 16.18
CA ALA B 107 12.31 -30.94 16.05
C ALA B 107 12.96 -30.86 17.43
N GLU B 108 12.43 -29.98 18.30
CA GLU B 108 12.94 -29.87 19.64
C GLU B 108 12.74 -31.09 20.52
N SER B 109 11.67 -31.84 20.31
CA SER B 109 11.43 -33.05 21.10
C SER B 109 12.39 -34.13 20.67
N HIS B 110 13.05 -33.97 19.55
CA HIS B 110 14.05 -34.90 19.09
C HIS B 110 15.48 -34.44 19.45
N GLY B 111 15.60 -33.37 20.19
CA GLY B 111 16.91 -32.83 20.58
C GLY B 111 17.56 -31.94 19.55
N MET B 112 16.79 -31.40 18.58
CA MET B 112 17.33 -30.53 17.52
C MET B 112 16.98 -29.08 17.78
N LEU B 113 17.87 -28.20 17.33
CA LEU B 113 17.61 -26.78 17.31
C LEU B 113 16.79 -26.51 16.06
N GLN B 114 15.86 -25.56 16.10
CA GLN B 114 15.06 -25.28 14.91
C GLN B 114 14.65 -23.83 14.76
N LEU B 115 14.77 -23.27 13.56
CA LEU B 115 14.23 -21.96 13.19
C LEU B 115 13.25 -22.08 12.00
N ASP B 116 12.25 -21.19 11.96
CA ASP B 116 11.51 -20.95 10.73
C ASP B 116 12.18 -19.79 10.11
N ALA B 117 12.55 -19.95 8.85
CA ALA B 117 13.20 -18.87 8.08
C ALA B 117 12.72 -18.78 6.66
N PRO B 118 11.43 -18.50 6.48
CA PRO B 118 10.90 -18.32 5.14
C PRO B 118 11.48 -17.06 4.49
N VAL B 119 11.41 -17.00 3.18
CA VAL B 119 12.16 -16.01 2.41
C VAL B 119 11.26 -15.26 1.48
N SER B 120 11.70 -14.09 1.09
CA SER B 120 11.15 -13.40 -0.08
C SER B 120 12.26 -13.08 -1.06
N GLY B 121 11.90 -12.97 -2.35
CA GLY B 121 12.84 -12.61 -3.39
C GLY B 121 12.73 -13.44 -4.64
N GLY B 122 12.05 -14.56 -4.53
CA GLY B 122 11.92 -15.49 -5.63
C GLY B 122 13.25 -16.07 -6.09
N VAL B 123 13.16 -16.68 -7.24
CA VAL B 123 14.25 -17.37 -7.83
C VAL B 123 15.42 -16.42 -8.18
N LYS B 124 15.12 -15.21 -8.67
CA LYS B 124 16.18 -14.25 -9.03
C LYS B 124 16.92 -13.84 -7.78
N GLY B 125 16.18 -13.66 -6.69
CA GLY B 125 16.81 -13.34 -5.43
C GLY B 125 17.65 -14.49 -4.89
N ALA B 126 17.13 -15.71 -5.08
CA ALA B 126 17.83 -16.91 -4.65
C ALA B 126 19.16 -17.04 -5.39
N ALA B 127 19.14 -16.84 -6.70
CA ALA B 127 20.35 -16.99 -7.48
C ALA B 127 21.36 -15.92 -7.14
N ALA B 128 20.88 -14.69 -6.97
CA ALA B 128 21.74 -13.56 -6.63
C ALA B 128 22.14 -13.48 -5.16
N ALA B 129 21.62 -14.35 -4.30
CA ALA B 129 21.91 -14.30 -2.85
C ALA B 129 21.46 -12.95 -2.23
N THR B 130 20.29 -12.48 -2.65
CA THR B 130 19.64 -11.27 -2.10
C THR B 130 18.31 -11.50 -1.46
N LEU B 131 17.99 -12.75 -1.08
CA LEU B 131 16.77 -13.10 -0.36
C LEU B 131 16.70 -12.42 0.98
N ALA B 132 15.50 -12.05 1.43
CA ALA B 132 15.24 -11.68 2.84
C ALA B 132 14.72 -12.88 3.62
N PHE B 133 15.39 -13.25 4.68
CA PHE B 133 15.01 -14.35 5.58
C PHE B 133 14.30 -13.69 6.78
N MET B 134 13.10 -14.15 7.08
CA MET B 134 12.36 -13.66 8.21
C MET B 134 12.33 -14.81 9.15
N VAL B 135 12.95 -14.63 10.33
CA VAL B 135 13.33 -15.72 11.19
C VAL B 135 12.57 -15.70 12.48
N GLY B 136 12.05 -16.87 12.84
CA GLY B 136 11.44 -17.10 14.15
C GLY B 136 12.22 -18.18 14.86
N GLY B 137 12.38 -18.01 16.18
CA GLY B 137 13.13 -18.91 17.01
C GLY B 137 13.99 -18.16 17.99
N ASP B 138 14.89 -18.85 18.67
CA ASP B 138 15.75 -18.18 19.69
C ASP B 138 16.82 -17.36 19.09
N GLU B 139 17.21 -16.25 19.73
CA GLU B 139 18.24 -15.37 19.24
C GLU B 139 19.58 -16.09 19.17
N SER B 140 19.86 -16.92 20.14
CA SER B 140 21.12 -17.64 20.14
C SER B 140 21.22 -18.67 18.99
N THR B 141 20.15 -19.37 18.68
CA THR B 141 20.10 -20.24 17.49
C THR B 141 20.32 -19.48 16.17
N LEU B 142 19.69 -18.31 16.05
CA LEU B 142 19.92 -17.47 14.88
C LEU B 142 21.39 -17.03 14.80
N ARG B 143 21.99 -16.72 15.95
CA ARG B 143 23.40 -16.40 15.97
C ARG B 143 24.21 -17.58 15.43
N ARG B 144 23.95 -18.77 15.95
CA ARG B 144 24.59 -19.98 15.39
C ARG B 144 24.36 -20.13 13.85
N ALA B 145 23.16 -19.78 13.38
CA ALA B 145 22.78 -19.95 11.99
C ALA B 145 23.32 -18.89 11.01
N ARG B 146 23.71 -17.73 11.50
CA ARG B 146 24.05 -16.62 10.59
C ARG B 146 25.09 -16.93 9.54
N PRO B 147 26.20 -17.51 9.93
CA PRO B 147 27.18 -17.90 8.88
C PRO B 147 26.61 -18.71 7.72
N VAL B 148 25.60 -19.55 7.98
CA VAL B 148 24.94 -20.34 6.93
C VAL B 148 23.94 -19.51 6.12
N LEU B 149 23.18 -18.65 6.77
CA LEU B 149 22.21 -17.82 6.05
C LEU B 149 22.88 -16.68 5.24
N GLU B 150 23.96 -16.07 5.74
CA GLU B 150 24.59 -14.95 5.02
C GLU B 150 24.93 -15.17 3.54
N PRO B 151 25.51 -16.30 3.14
CA PRO B 151 25.76 -16.49 1.72
C PRO B 151 24.56 -16.58 0.82
N MET B 152 23.37 -16.77 1.40
CA MET B 152 22.15 -16.82 0.62
C MET B 152 21.35 -15.51 0.65
N ALA B 153 21.74 -14.56 1.52
CA ALA B 153 20.86 -13.51 2.03
C ALA B 153 21.27 -12.08 1.64
N GLY B 154 20.29 -11.26 1.28
CA GLY B 154 20.41 -9.80 1.34
C GLY B 154 20.02 -9.26 2.71
N LYS B 155 19.00 -9.82 3.38
CA LYS B 155 18.52 -9.33 4.70
C LYS B 155 18.21 -10.58 5.56
N ILE B 156 18.52 -10.48 6.86
CA ILE B 156 18.13 -11.47 7.82
C ILE B 156 17.49 -10.66 8.91
N ILE B 157 16.24 -10.92 9.21
CA ILE B 157 15.56 -10.20 10.27
C ILE B 157 14.93 -11.19 11.22
N HIS B 158 15.20 -11.01 12.49
CA HIS B 158 14.66 -11.82 13.56
C HIS B 158 13.28 -11.29 13.93
N CYS B 159 12.26 -12.10 13.77
CA CYS B 159 10.87 -11.63 13.90
C CYS B 159 10.29 -11.95 15.29
N GLY B 160 10.89 -12.85 16.06
CA GLY B 160 10.36 -13.24 17.34
C GLY B 160 10.54 -14.76 17.51
N ALA B 161 9.65 -15.34 18.29
CA ALA B 161 9.74 -16.77 18.66
C ALA B 161 9.27 -17.63 17.51
N ALA B 162 9.42 -18.93 17.67
CA ALA B 162 9.09 -19.89 16.62
C ALA B 162 7.73 -19.63 16.00
N GLY B 163 7.72 -19.61 14.68
CA GLY B 163 6.52 -19.22 13.94
C GLY B 163 6.41 -17.77 13.49
N ALA B 164 7.17 -16.88 14.10
CA ALA B 164 7.08 -15.45 13.83
C ALA B 164 7.67 -15.10 12.48
N GLY B 165 8.55 -15.92 11.91
CA GLY B 165 9.00 -15.65 10.58
C GLY B 165 7.89 -15.85 9.60
N GLN B 166 7.21 -16.98 9.77
CA GLN B 166 6.09 -17.31 8.91
C GLN B 166 5.00 -16.25 9.07
N ALA B 167 4.78 -15.84 10.33
CA ALA B 167 3.72 -14.86 10.61
C ALA B 167 3.99 -13.51 9.93
N ALA B 168 5.23 -13.08 10.00
CA ALA B 168 5.60 -11.81 9.42
C ALA B 168 5.44 -11.80 7.91
N LYS B 169 5.95 -12.86 7.29
CA LYS B 169 5.78 -13.06 5.87
C LYS B 169 4.32 -13.00 5.43
N VAL B 170 3.50 -13.78 6.12
CA VAL B 170 2.15 -13.97 5.68
C VAL B 170 1.37 -12.68 5.90
N CYS B 171 1.65 -11.96 6.99
CA CYS B 171 1.05 -10.64 7.17
C CYS B 171 1.46 -9.67 6.05
N ASN B 172 2.74 -9.58 5.75
CA ASN B 172 3.21 -8.71 4.63
C ASN B 172 2.55 -9.07 3.34
N ASN B 173 2.48 -10.38 3.00
CA ASN B 173 1.95 -10.76 1.70
C ASN B 173 0.46 -10.53 1.53
N MET B 174 -0.30 -10.62 2.62
CA MET B 174 -1.71 -10.30 2.60
C MET B 174 -1.90 -8.83 2.27
N VAL B 175 -1.18 -7.97 2.97
CA VAL B 175 -1.17 -6.54 2.67
C VAL B 175 -0.83 -6.30 1.19
N LEU B 176 0.21 -6.97 0.73
CA LEU B 176 0.63 -6.83 -0.65
C LEU B 176 -0.44 -7.19 -1.69
N ALA B 177 -1.16 -8.31 -1.47
CA ALA B 177 -2.22 -8.76 -2.28
C ALA B 177 -3.32 -7.70 -2.32
N VAL B 178 -3.68 -7.15 -1.16
CA VAL B 178 -4.71 -6.09 -1.11
C VAL B 178 -4.26 -4.84 -1.90
N GLN B 179 -2.99 -4.46 -1.75
CA GLN B 179 -2.43 -3.29 -2.44
C GLN B 179 -2.36 -3.46 -3.93
N GLN B 180 -1.99 -4.65 -4.38
CA GLN B 180 -1.97 -4.93 -5.81
C GLN B 180 -3.32 -4.87 -6.48
N ILE B 181 -4.34 -5.38 -5.82
CA ILE B 181 -5.73 -5.24 -6.34
C ILE B 181 -6.13 -3.75 -6.30
N ALA B 182 -5.90 -3.06 -5.18
CA ALA B 182 -6.31 -1.65 -5.06
C ALA B 182 -5.69 -0.78 -6.11
N ILE B 183 -4.38 -0.95 -6.37
CA ILE B 183 -3.70 -0.23 -7.42
C ILE B 183 -4.34 -0.54 -8.79
N ALA B 184 -4.64 -1.81 -9.05
CA ALA B 184 -5.27 -2.18 -10.29
C ALA B 184 -6.61 -1.44 -10.46
N GLU B 185 -7.41 -1.44 -9.39
CA GLU B 185 -8.68 -0.73 -9.37
C GLU B 185 -8.52 0.77 -9.69
N ALA B 186 -7.52 1.40 -9.09
CA ALA B 186 -7.28 2.81 -9.29
C ALA B 186 -6.93 3.05 -10.77
N PHE B 187 -6.04 2.23 -11.36
CA PHE B 187 -5.66 2.47 -12.73
C PHE B 187 -6.81 2.28 -13.72
N VAL B 188 -7.69 1.30 -13.46
CA VAL B 188 -8.82 1.07 -14.32
C VAL B 188 -9.85 2.18 -14.19
N LEU B 189 -10.09 2.63 -12.96
CA LEU B 189 -10.98 3.75 -12.70
C LEU B 189 -10.46 5.01 -13.38
N ALA B 190 -9.17 5.28 -13.25
CA ALA B 190 -8.54 6.42 -13.94
C ALA B 190 -8.78 6.38 -15.42
N GLU B 191 -8.54 5.21 -16.03
CA GLU B 191 -8.76 5.06 -17.45
C GLU B 191 -10.22 5.43 -17.83
N LYS B 192 -11.18 4.99 -17.05
CA LYS B 192 -12.58 5.30 -17.30
C LYS B 192 -12.91 6.78 -17.10
N LEU B 193 -12.21 7.45 -16.20
CA LEU B 193 -12.39 8.86 -15.92
C LEU B 193 -11.64 9.74 -16.92
N GLY B 194 -10.83 9.17 -17.78
CA GLY B 194 -9.97 9.94 -18.69
C GLY B 194 -8.67 10.47 -18.08
N LEU B 195 -8.25 9.94 -16.93
CA LEU B 195 -6.97 10.33 -16.33
C LEU B 195 -5.90 9.38 -16.88
N SER B 196 -4.83 9.88 -17.50
CA SER B 196 -3.81 8.96 -18.08
C SER B 196 -3.10 8.09 -17.01
N ALA B 197 -2.62 6.93 -17.44
CA ALA B 197 -1.89 6.02 -16.59
C ALA B 197 -0.67 6.71 -16.11
N GLN B 198 0.03 7.42 -17.01
CA GLN B 198 1.24 8.12 -16.58
C GLN B 198 0.93 9.13 -15.52
N SER B 199 -0.17 9.89 -15.68
CA SER B 199 -0.47 10.91 -14.65
C SER B 199 -0.89 10.31 -13.31
N LEU B 200 -1.71 9.26 -13.34
CA LEU B 200 -2.05 8.56 -12.09
C LEU B 200 -0.80 8.00 -11.44
N PHE B 201 0.07 7.41 -12.24
CA PHE B 201 1.35 6.90 -11.71
C PHE B 201 2.11 7.99 -10.96
N ASP B 202 2.35 9.10 -11.64
CA ASP B 202 3.06 10.26 -11.06
C ASP B 202 2.44 10.78 -9.77
N VAL B 203 1.14 10.86 -9.73
CA VAL B 203 0.45 11.31 -8.51
C VAL B 203 0.57 10.33 -7.35
N ILE B 204 0.18 9.07 -7.57
CA ILE B 204 0.14 8.12 -6.48
C ILE B 204 1.54 7.93 -5.93
N THR B 205 2.52 7.80 -6.83
CA THR B 205 3.90 7.51 -6.34
C THR B 205 4.48 8.71 -5.61
N GLY B 206 3.98 9.93 -5.90
CA GLY B 206 4.38 11.13 -5.14
C GLY B 206 3.50 11.44 -3.94
N ALA B 207 2.48 10.61 -3.66
CA ALA B 207 1.48 10.89 -2.64
C ALA B 207 1.35 9.75 -1.61
N THR B 208 0.29 9.79 -0.81
CA THR B 208 0.18 8.82 0.31
C THR B 208 -0.11 7.37 -0.11
N GLY B 209 -0.58 7.18 -1.35
CA GLY B 209 -0.90 5.87 -1.82
C GLY B 209 0.26 5.08 -2.37
N ASN B 210 1.47 5.65 -2.41
CA ASN B 210 2.59 4.94 -3.00
C ASN B 210 2.89 3.64 -2.27
N CYS B 211 3.34 2.64 -3.04
CA CYS B 211 3.69 1.29 -2.53
C CYS B 211 4.28 0.52 -3.69
N TRP B 212 5.02 -0.52 -3.35
CA TRP B 212 5.67 -1.38 -4.34
C TRP B 212 4.82 -1.85 -5.44
N ALA B 213 3.56 -2.18 -5.14
CA ALA B 213 2.62 -2.59 -6.17
C ALA B 213 2.45 -1.58 -7.30
N VAL B 214 2.71 -0.29 -7.05
CA VAL B 214 2.68 0.66 -8.12
C VAL B 214 4.06 1.04 -8.56
N HIS B 215 4.94 1.41 -7.64
CA HIS B 215 6.23 1.96 -8.05
C HIS B 215 7.15 0.92 -8.72
N THR B 216 6.99 -0.35 -8.37
CA THR B 216 7.81 -1.40 -8.98
C THR B 216 6.97 -2.35 -9.80
N ASN B 217 5.74 -2.65 -9.38
CA ASN B 217 4.94 -3.67 -10.03
C ASN B 217 3.80 -3.08 -10.89
N CYS B 218 3.93 -1.78 -11.27
CA CYS B 218 2.88 -1.07 -11.98
C CYS B 218 2.09 -1.96 -12.97
N PRO B 219 0.78 -2.12 -12.75
CA PRO B 219 0.06 -3.12 -13.57
C PRO B 219 -0.42 -2.65 -14.97
N VAL B 220 0.03 -1.47 -15.43
CA VAL B 220 -0.25 -0.99 -16.82
C VAL B 220 1.09 -0.80 -17.44
N PRO B 221 1.21 -1.09 -18.75
CA PRO B 221 2.51 -0.92 -19.37
C PRO B 221 2.80 0.53 -19.58
N GLY B 222 4.03 0.89 -19.37
CA GLY B 222 4.55 2.19 -19.72
C GLY B 222 5.27 2.92 -18.63
N PRO B 223 4.60 3.26 -17.53
CA PRO B 223 5.28 4.05 -16.51
C PRO B 223 6.48 3.38 -15.83
N VAL B 224 6.45 2.06 -15.67
CA VAL B 224 7.62 1.34 -15.10
C VAL B 224 8.02 0.19 -16.09
N PRO B 225 8.93 0.50 -17.04
CA PRO B 225 9.23 -0.44 -18.12
C PRO B 225 9.71 -1.81 -17.66
N THR B 226 10.22 -1.92 -16.43
CA THR B 226 10.64 -3.21 -15.91
C THR B 226 9.52 -4.06 -15.27
N SER B 227 8.30 -3.52 -15.11
CA SER B 227 7.23 -4.25 -14.44
C SER B 227 6.70 -5.30 -15.38
N PRO B 228 6.05 -6.33 -14.81
CA PRO B 228 5.49 -7.44 -15.62
C PRO B 228 4.51 -7.06 -16.68
N ALA B 229 3.77 -5.98 -16.45
CA ALA B 229 2.76 -5.50 -17.42
C ALA B 229 3.38 -5.27 -18.80
N ASN B 230 4.69 -5.00 -18.83
CA ASN B 230 5.38 -4.73 -20.06
C ASN B 230 5.96 -6.02 -20.71
N ASN B 231 5.81 -7.17 -20.07
CA ASN B 231 6.45 -8.39 -20.51
C ASN B 231 5.46 -9.50 -20.44
N ASP B 232 4.27 -9.25 -21.00
CA ASP B 232 3.12 -10.13 -20.99
C ASP B 232 2.68 -10.73 -19.65
N PHE B 233 2.79 -9.96 -18.57
CA PHE B 233 2.63 -10.45 -17.20
C PHE B 233 3.35 -11.76 -16.86
N LYS B 234 4.56 -11.92 -17.36
CA LYS B 234 5.42 -13.06 -17.01
C LYS B 234 5.84 -12.81 -15.57
N PRO B 235 5.79 -13.82 -14.68
CA PRO B 235 6.22 -13.54 -13.29
C PRO B 235 7.74 -13.29 -13.26
N GLY B 236 8.32 -12.50 -12.36
CA GLY B 236 7.61 -11.84 -11.24
C GLY B 236 7.22 -12.81 -10.12
N PHE B 237 6.09 -12.55 -9.52
CA PHE B 237 5.53 -13.27 -8.40
C PHE B 237 4.21 -13.83 -8.95
N SER B 238 4.21 -15.12 -9.26
CA SER B 238 3.09 -15.71 -9.93
C SER B 238 1.83 -15.64 -9.08
N THR B 239 0.69 -15.62 -9.74
CA THR B 239 -0.61 -15.77 -9.11
C THR B 239 -0.70 -17.08 -8.31
N ALA B 240 -0.12 -18.17 -8.84
CA ALA B 240 -0.11 -19.41 -8.08
C ALA B 240 0.56 -19.24 -6.72
N LEU B 241 1.70 -18.58 -6.66
CA LEU B 241 2.36 -18.40 -5.38
C LEU B 241 1.59 -17.43 -4.46
N MET B 242 1.09 -16.32 -4.99
CA MET B 242 0.31 -15.39 -4.18
C MET B 242 -0.95 -16.07 -3.60
N ASN B 243 -1.59 -16.88 -4.45
CA ASN B 243 -2.73 -17.64 -4.01
C ASN B 243 -2.38 -18.62 -2.88
N LYS B 244 -1.22 -19.28 -2.99
CA LYS B 244 -0.74 -20.10 -1.85
C LYS B 244 -0.56 -19.29 -0.56
N ASP B 245 0.12 -18.15 -0.67
CA ASP B 245 0.39 -17.32 0.52
C ASP B 245 -0.89 -16.77 1.12
N LEU B 246 -1.85 -16.44 0.25
CA LEU B 246 -3.16 -16.01 0.73
C LEU B 246 -3.95 -17.11 1.43
N GLY B 247 -3.79 -18.33 0.97
CA GLY B 247 -4.34 -19.54 1.66
C GLY B 247 -3.75 -19.66 3.03
N LEU B 248 -2.44 -19.44 3.14
CA LEU B 248 -1.81 -19.48 4.44
C LEU B 248 -2.29 -18.33 5.33
N ALA B 249 -2.52 -17.16 4.79
CA ALA B 249 -3.07 -16.05 5.59
C ALA B 249 -4.49 -16.38 6.14
N MET B 250 -5.33 -16.97 5.30
CA MET B 250 -6.66 -17.39 5.65
C MET B 250 -6.57 -18.51 6.69
N ASP B 251 -5.58 -19.41 6.59
CA ASP B 251 -5.33 -20.36 7.69
C ASP B 251 -5.03 -19.64 9.01
N ALA B 252 -4.14 -18.64 8.98
CA ALA B 252 -3.81 -17.85 10.16
C ALA B 252 -5.08 -17.09 10.73
N VAL B 253 -5.87 -16.53 9.83
CA VAL B 253 -7.07 -15.79 10.20
C VAL B 253 -8.00 -16.82 10.86
N ALA B 254 -8.12 -17.99 10.27
CA ALA B 254 -9.05 -18.98 10.82
C ALA B 254 -8.57 -19.53 12.18
N ALA B 255 -7.27 -19.77 12.30
CA ALA B 255 -6.69 -20.26 13.53
C ALA B 255 -6.82 -19.27 14.68
N THR B 256 -6.74 -17.98 14.38
CA THR B 256 -6.74 -16.96 15.41
C THR B 256 -8.13 -16.35 15.72
N GLY B 257 -9.09 -16.56 14.84
CA GLY B 257 -10.36 -15.93 14.96
C GLY B 257 -10.27 -14.44 14.60
N ALA B 258 -9.23 -14.03 13.89
CA ALA B 258 -9.07 -12.63 13.51
C ALA B 258 -10.06 -12.18 12.46
N THR B 259 -10.27 -10.89 12.34
CA THR B 259 -11.14 -10.36 11.31
C THR B 259 -10.27 -9.60 10.29
N ALA B 260 -10.29 -10.04 9.06
CA ALA B 260 -9.53 -9.45 7.98
C ALA B 260 -10.40 -9.33 6.72
N PRO B 261 -11.30 -8.36 6.70
CA PRO B 261 -12.24 -8.21 5.60
C PRO B 261 -11.61 -8.05 4.23
N LEU B 262 -10.67 -7.15 4.08
CA LEU B 262 -10.07 -6.91 2.78
C LEU B 262 -9.10 -7.99 2.43
N GLY B 263 -8.34 -8.44 3.42
CA GLY B 263 -7.42 -9.59 3.19
C GLY B 263 -8.16 -10.83 2.72
N SER B 264 -9.25 -11.18 3.39
CA SER B 264 -10.11 -12.28 2.94
C SER B 264 -10.81 -12.07 1.58
N HIS B 265 -11.22 -10.83 1.32
CA HIS B 265 -11.79 -10.49 0.01
C HIS B 265 -10.71 -10.62 -1.12
N ALA B 266 -9.50 -10.19 -0.82
CA ALA B 266 -8.41 -10.36 -1.74
C ALA B 266 -8.07 -11.84 -1.95
N ALA B 267 -8.15 -12.65 -0.88
CA ALA B 267 -7.96 -14.13 -0.97
C ALA B 267 -8.96 -14.75 -1.94
N ASP B 268 -10.23 -14.35 -1.83
N ASP B 268 -10.23 -14.35 -1.82
CA ASP B 268 -11.28 -14.87 -2.73
CA ASP B 268 -11.31 -14.83 -2.70
C ASP B 268 -11.00 -14.47 -4.17
C ASP B 268 -11.02 -14.46 -4.16
N ILE B 269 -10.62 -13.21 -4.38
CA ILE B 269 -10.30 -12.68 -5.72
C ILE B 269 -9.15 -13.46 -6.32
N TYR B 270 -8.08 -13.64 -5.56
CA TYR B 270 -6.92 -14.36 -6.09
C TYR B 270 -7.21 -15.88 -6.31
N ALA B 271 -8.02 -16.45 -5.45
CA ALA B 271 -8.37 -17.85 -5.61
C ALA B 271 -9.14 -18.02 -6.93
N LYS B 272 -10.08 -17.13 -7.21
CA LYS B 272 -10.77 -17.17 -8.49
C LYS B 272 -9.84 -16.93 -9.68
N PHE B 273 -8.95 -15.93 -9.62
CA PHE B 273 -8.05 -15.61 -10.70
C PHE B 273 -7.06 -16.74 -10.95
N ALA B 274 -6.62 -17.42 -9.87
CA ALA B 274 -5.68 -18.54 -9.99
C ALA B 274 -6.25 -19.73 -10.77
N ALA B 275 -7.56 -19.91 -10.78
CA ALA B 275 -8.17 -21.03 -11.51
C ALA B 275 -7.77 -20.99 -12.98
N ASP B 276 -7.71 -19.81 -13.60
CA ASP B 276 -7.26 -19.75 -14.97
C ASP B 276 -5.96 -19.06 -15.28
N HIS B 277 -5.37 -18.29 -14.36
CA HIS B 277 -4.21 -17.47 -14.65
C HIS B 277 -3.12 -17.68 -13.66
N ALA B 278 -2.96 -18.94 -13.24
CA ALA B 278 -2.03 -19.29 -12.17
C ALA B 278 -0.61 -18.91 -12.60
N ASP B 279 -0.35 -19.02 -13.88
CA ASP B 279 0.94 -18.78 -14.47
C ASP B 279 1.29 -17.28 -14.65
N LEU B 280 0.33 -16.36 -14.50
CA LEU B 280 0.60 -14.93 -14.72
C LEU B 280 1.08 -14.26 -13.41
N ASP B 281 1.90 -13.25 -13.54
CA ASP B 281 2.22 -12.39 -12.40
C ASP B 281 0.92 -11.94 -11.72
N PHE B 282 0.94 -11.89 -10.40
CA PHE B 282 -0.24 -11.51 -9.65
C PHE B 282 -0.75 -10.11 -9.97
N SER B 283 0.07 -9.25 -10.59
CA SER B 283 -0.41 -7.91 -11.04
C SER B 283 -1.45 -8.01 -12.17
N ALA B 284 -1.49 -9.17 -12.84
CA ALA B 284 -2.43 -9.46 -13.93
C ALA B 284 -3.90 -9.51 -13.52
N VAL B 285 -4.14 -9.56 -12.22
CA VAL B 285 -5.48 -9.44 -11.69
C VAL B 285 -6.26 -8.19 -12.25
N ILE B 286 -5.53 -7.15 -12.64
CA ILE B 286 -6.08 -5.99 -13.36
C ILE B 286 -7.01 -6.43 -14.51
N HIS B 287 -6.68 -7.51 -15.17
CA HIS B 287 -7.51 -8.10 -16.21
C HIS B 287 -8.94 -8.38 -15.74
N THR B 288 -9.13 -8.86 -14.53
CA THR B 288 -10.48 -9.10 -14.05
C THR B 288 -11.36 -7.85 -13.86
N LEU B 289 -10.77 -6.64 -13.85
CA LEU B 289 -11.48 -5.38 -13.63
C LEU B 289 -11.86 -4.67 -14.94
N ARG B 290 -11.45 -5.23 -16.06
CA ARG B 290 -11.81 -4.73 -17.36
C ARG B 290 -12.59 -5.80 -18.05
C1 GOL C . -4.96 42.35 1.38
O1 GOL C . -6.26 41.73 1.20
C2 GOL C . -5.17 43.87 1.39
O2 GOL C . -5.99 44.22 0.26
C3 GOL C . -3.86 44.73 1.39
O3 GOL C . -4.17 46.18 1.37
C1 GOL D . -10.57 19.51 1.98
O1 GOL D . -9.49 19.78 1.08
C2 GOL D . -11.91 19.77 1.24
O2 GOL D . -12.85 18.78 1.71
C3 GOL D . -12.30 21.28 1.31
O3 GOL D . -13.68 21.64 1.45
C1 GOL E . -13.87 22.71 5.03
O1 GOL E . -13.29 23.08 3.77
C2 GOL E . -14.86 23.83 5.55
O2 GOL E . -16.18 23.97 5.03
C3 GOL E . -15.21 23.57 6.98
O3 GOL E . -15.18 24.83 7.61
CA AKR F . -8.35 39.57 -15.37
CB AKR F . -7.70 40.71 -15.46
C AKR F . -9.80 39.58 -15.09
O AKR F . -10.58 39.07 -15.93
OXT AKR F . -10.21 40.09 -14.03
O12 9ON G . 6.28 24.66 -7.12
C7 9ON G . 6.07 24.05 -6.05
O10 9ON G . 5.65 22.88 -5.95
C4 9ON G . 6.36 24.80 -4.75
C5 9ON G . 7.87 24.96 -4.57
C3 9ON G . 5.70 26.18 -4.81
C2 9ON G . 6.44 27.13 -3.86
C1 9ON G . 5.97 26.88 -2.42
O8 9ON G . 4.86 27.36 -2.09
O9 9ON G . 6.72 26.22 -1.68
PA NAD H . 9.67 -26.55 -6.00
O1A NAD H . 8.40 -27.38 -6.05
O2A NAD H . 10.40 -25.95 -7.20
O5B NAD H . 10.72 -27.34 -5.09
C5B NAD H . 10.34 -28.18 -4.01
C4B NAD H . 11.26 -29.39 -4.07
O4B NAD H . 11.14 -30.18 -2.88
C3B NAD H . 10.92 -30.27 -5.28
O3B NAD H . 12.08 -30.38 -6.17
C2B NAD H . 10.46 -31.57 -4.61
O2B NAD H . 10.77 -32.81 -5.25
C1B NAD H . 11.23 -31.51 -3.31
N9A NAD H . 10.73 -32.41 -2.26
C8A NAD H . 9.45 -32.79 -2.02
N7A NAD H . 9.43 -33.62 -0.94
C5A NAD H . 10.67 -33.73 -0.48
C6A NAD H . 11.37 -34.36 0.62
N6A NAD H . 10.73 -35.10 1.52
N1A NAD H . 12.68 -34.20 0.77
C2A NAD H . 13.37 -33.48 -0.08
N3A NAD H . 12.83 -32.84 -1.08
C4A NAD H . 11.52 -32.91 -1.34
O3 NAD H . 9.30 -25.35 -4.99
PN NAD H . 10.18 -24.03 -4.77
O1N NAD H . 9.77 -22.98 -5.79
O2N NAD H . 11.68 -24.36 -4.59
O5D NAD H . 9.58 -23.47 -3.40
C5D NAD H . 9.90 -24.10 -2.14
C4D NAD H . 9.32 -23.23 -1.02
O4D NAD H . 9.76 -21.88 -1.17
C3D NAD H . 7.79 -23.21 -1.05
O3D NAD H . 7.27 -23.38 0.33
C2D NAD H . 7.46 -21.86 -1.64
O2D NAD H . 6.17 -21.37 -1.21
C1D NAD H . 8.62 -20.99 -1.13
N1N NAD H . 8.92 -19.74 -1.87
C2N NAD H . 8.99 -19.80 -3.25
C3N NAD H . 9.28 -18.66 -4.07
C7N NAD H . 9.38 -18.78 -5.56
O7N NAD H . 9.44 -17.81 -6.32
N7N NAD H . 9.55 -20.00 -6.08
C4N NAD H . 9.49 -17.42 -3.43
C5N NAD H . 9.47 -17.38 -2.02
C6N NAD H . 9.20 -18.55 -1.24
O1 HIU I . 7.81 -10.26 -3.25
C1 HIU I . 9.02 -10.25 -3.55
O2 HIU I . 9.91 -10.69 -2.79
C2 HIU I . 9.40 -9.84 -4.94
C3 HIU I . 9.20 -11.02 -5.90
C4 HIU I . 10.85 -9.37 -4.96
O3 HIU I . 11.08 -8.53 -3.81
O12 9ON J . 24.15 -8.53 6.09
C7 9ON J . 23.80 -9.70 6.31
O10 9ON J . 23.54 -10.18 7.44
C4 9ON J . 23.68 -10.64 5.11
C5 9ON J . 22.25 -10.62 4.59
C3 9ON J . 24.64 -10.18 4.01
C2 9ON J . 25.02 -11.37 3.13
C1 9ON J . 25.10 -10.94 1.68
O8 9ON J . 24.87 -11.80 0.80
O9 9ON J . 25.40 -9.74 1.46
#